data_2IBK
#
_entry.id   2IBK
#
_cell.length_a   96.714
_cell.length_b   100.473
_cell.length_c   52.332
_cell.angle_alpha   90.00
_cell.angle_beta   90.00
_cell.angle_gamma   90.00
#
_symmetry.space_group_name_H-M   'P 21 21 2'
#
loop_
_entity.id
_entity.type
_entity.pdbx_description
1 polymer "5'-D(*GP*GP*GP*GP*GP*AP*AP*GP*GP*AP*TP*TP*AP*T)-3'"
2 polymer "5'-D(*TP*CP*AP*TP*GP*AP*AP*TP*CP*CP*TP*TP*CP*CP*CP*CP*C)-3'"
3 polymer 'DNA polymerase IV'
4 non-polymer 1,2,3-TRIHYDROXY-1,2,3,4-TETRAHYDROBENZO[A]PYRENE
5 non-polymer 1,2-ETHANEDIOL
6 non-polymer GLYCEROL
7 non-polymer 'CALCIUM ION'
8 non-polymer 'PYROPHOSPHATE 2-'
9 water water
#
loop_
_entity_poly.entity_id
_entity_poly.type
_entity_poly.pdbx_seq_one_letter_code
_entity_poly.pdbx_strand_id
1 'polydeoxyribonucleotide' (DG)(DG)(DG)(DG)(DG)(DA)(DA)(DG)(DG)(DA)(DT)(DT)(DA)(DT) D
2 'polydeoxyribonucleotide' (DT)(DC)(DA)(DT)(DG)(DA)(DA)(DT)(DC)(DC)(DT)(DT)(DC)(DC)(DC)(DC)(DC) E
3 'polypeptide(L)'
;MIVLFVDFDYFYAQVEEVLNPSLKGKPVVVCVFSGRFEDSGAVATANYEARKFGVKAGIPIVEAKKILPNAVYLPMRKEV
YQQVSSRIMNLLREYSEKIEIASIDEAYLDISDKVRDYREAYNLGLEIKNKILEKEKITVTVGISKNKVFAKIAADMAKP
NGIKVIDDEEVKRLIRELDIADVPGIGNITAEKLKKLGINKLVDTLSIEFDKLKGMIGEAKAKYLISLARDEYNEPIRTR
VRKSIGRIVTMKRNSRNLEEIKPYLFRAIEESYYKLDKRIPKAIHVVAVTEDLDIVSRGRTFPHGISKETAYSESVKLLQ
KILEEDERKIRRIGVRFSKFIEAIGLDKFFDT
;
A
#
loop_
_chem_comp.id
_chem_comp.type
_chem_comp.name
_chem_comp.formula
BAP non-polymer 1,2,3-TRIHYDROXY-1,2,3,4-TETRAHYDROBENZO[A]PYRENE 'C20 H16 O3'
CA non-polymer 'CALCIUM ION' 'Ca 2'
DA DNA linking 2'-DEOXYADENOSINE-5'-MONOPHOSPHATE 'C10 H14 N5 O6 P'
DC DNA linking 2'-DEOXYCYTIDINE-5'-MONOPHOSPHATE 'C9 H14 N3 O7 P'
DG DNA linking 2'-DEOXYGUANOSINE-5'-MONOPHOSPHATE 'C10 H14 N5 O7 P'
DT DNA linking THYMIDINE-5'-MONOPHOSPHATE 'C10 H15 N2 O8 P'
EDO non-polymer 1,2-ETHANEDIOL 'C2 H6 O2'
GOL non-polymer GLYCEROL 'C3 H8 O3'
POP non-polymer 'PYROPHOSPHATE 2-' 'H2 O7 P2 -2'
#
# COMPACT_ATOMS: atom_id res chain seq x y z
N MET C 1 17.63 -17.11 -7.81
CA MET C 1 17.05 -16.38 -6.64
C MET C 1 15.82 -17.08 -6.04
N ILE C 2 15.82 -17.27 -4.72
CA ILE C 2 14.67 -17.89 -4.07
C ILE C 2 14.12 -16.82 -3.13
N VAL C 3 12.88 -16.42 -3.40
CA VAL C 3 12.19 -15.36 -2.67
C VAL C 3 11.05 -15.79 -1.74
N LEU C 4 11.11 -15.32 -0.50
CA LEU C 4 10.05 -15.66 0.44
C LEU C 4 9.29 -14.37 0.76
N PHE C 5 8.01 -14.36 0.41
CA PHE C 5 7.14 -13.21 0.61
C PHE C 5 6.15 -13.46 1.73
N VAL C 6 6.14 -12.55 2.70
CA VAL C 6 5.22 -12.65 3.82
C VAL C 6 4.17 -11.56 3.76
N ASP C 7 2.90 -11.95 3.86
CA ASP C 7 1.79 -11.02 3.83
C ASP C 7 0.93 -11.28 5.05
N PHE C 8 0.89 -10.36 6.00
CA PHE C 8 0.08 -10.53 7.20
C PHE C 8 -1.39 -10.47 6.80
N ASP C 9 -2.16 -11.48 7.19
CA ASP C 9 -3.59 -11.56 6.86
C ASP C 9 -4.39 -10.48 7.56
N TYR C 10 -5.31 -9.87 6.81
CA TYR C 10 -6.20 -8.82 7.30
C TYR C 10 -5.58 -8.17 8.54
N PHE C 11 -4.34 -7.71 8.38
CA PHE C 11 -3.52 -7.16 9.43
C PHE C 11 -4.14 -6.24 10.48
N TYR C 12 -4.71 -5.10 10.09
CA TYR C 12 -5.27 -4.22 11.14
C TYR C 12 -6.37 -4.87 11.97
N ALA C 13 -7.25 -5.60 11.29
CA ALA C 13 -8.35 -6.29 11.95
C ALA C 13 -7.79 -7.37 12.84
N GLN C 14 -6.81 -8.10 12.33
CA GLN C 14 -6.19 -9.14 13.14
C GLN C 14 -5.54 -8.59 14.41
N VAL C 15 -4.84 -7.46 14.30
CA VAL C 15 -4.18 -6.89 15.46
C VAL C 15 -5.20 -6.47 16.52
N GLU C 16 -6.35 -5.98 16.07
CA GLU C 16 -7.38 -5.57 17.00
C GLU C 16 -7.96 -6.80 17.73
N GLU C 17 -7.93 -7.95 17.06
CA GLU C 17 -8.41 -9.20 17.63
C GLU C 17 -7.39 -9.68 18.67
N VAL C 18 -6.11 -9.47 18.40
CA VAL C 18 -5.09 -9.89 19.32
C VAL C 18 -5.20 -9.05 20.60
N LEU C 19 -5.45 -7.76 20.44
CA LEU C 19 -5.56 -6.86 21.58
C LEU C 19 -6.90 -6.99 22.30
N ASN C 20 -7.89 -7.59 21.64
CA ASN C 20 -9.20 -7.83 22.22
C ASN C 20 -9.65 -9.12 21.57
N PRO C 21 -9.22 -10.25 22.12
CA PRO C 21 -9.52 -11.59 21.62
C PRO C 21 -11.00 -11.95 21.55
N SER C 22 -11.85 -11.19 22.24
CA SER C 22 -13.29 -11.51 22.22
C SER C 22 -13.90 -11.20 20.86
N LEU C 23 -13.13 -10.53 20.01
CA LEU C 23 -13.59 -10.16 18.68
C LEU C 23 -13.47 -11.30 17.69
N LYS C 24 -12.64 -12.29 18.03
CA LYS C 24 -12.45 -13.43 17.14
C LYS C 24 -13.78 -14.08 16.80
N GLY C 25 -14.03 -14.33 15.53
CA GLY C 25 -15.28 -14.94 15.14
C GLY C 25 -16.34 -13.92 14.74
N LYS C 26 -16.15 -12.68 15.19
CA LYS C 26 -17.07 -11.58 14.89
C LYS C 26 -16.62 -10.80 13.65
N PRO C 27 -17.54 -10.12 12.97
CA PRO C 27 -17.15 -9.34 11.78
C PRO C 27 -16.48 -8.10 12.36
N VAL C 28 -15.24 -7.87 11.99
CA VAL C 28 -14.50 -6.73 12.51
C VAL C 28 -14.13 -5.83 11.34
N VAL C 29 -14.48 -4.55 11.45
CA VAL C 29 -14.19 -3.58 10.40
C VAL C 29 -13.36 -2.43 10.94
N VAL C 30 -12.12 -2.34 10.46
CA VAL C 30 -11.21 -1.27 10.87
C VAL C 30 -11.38 -0.15 9.86
N CYS C 31 -11.78 1.01 10.35
CA CYS C 31 -12.07 2.15 9.49
C CYS C 31 -11.30 3.42 9.78
N VAL C 32 -11.27 4.28 8.78
CA VAL C 32 -10.65 5.59 8.92
C VAL C 32 -11.85 6.53 8.84
N PHE C 33 -12.20 7.11 9.98
CA PHE C 33 -13.32 8.03 10.07
C PHE C 33 -12.80 9.44 9.74
N SER C 34 -13.31 10.04 8.68
CA SER C 34 -12.86 11.36 8.24
C SER C 34 -13.33 12.59 9.07
N GLY C 35 -14.47 12.50 9.75
CA GLY C 35 -14.93 13.65 10.52
C GLY C 35 -15.93 14.55 9.79
N ARG C 36 -15.87 14.53 8.46
CA ARG C 36 -16.79 15.33 7.64
C ARG C 36 -18.25 15.20 8.11
N PHE C 37 -18.78 13.98 8.18
CA PHE C 37 -20.16 13.78 8.65
C PHE C 37 -20.25 12.43 9.37
N GLU C 38 -21.43 12.08 9.87
CA GLU C 38 -21.63 10.82 10.58
C GLU C 38 -21.22 9.62 9.72
N ASP C 39 -20.26 8.83 10.22
CA ASP C 39 -19.72 7.64 9.56
C ASP C 39 -19.02 7.88 8.21
N SER C 40 -18.59 9.12 7.98
CA SER C 40 -17.88 9.43 6.75
C SER C 40 -16.45 8.87 6.89
N GLY C 41 -15.87 8.42 5.78
CA GLY C 41 -14.53 7.88 5.81
C GLY C 41 -14.44 6.63 4.96
N ALA C 42 -13.48 5.76 5.24
CA ALA C 42 -13.35 4.53 4.49
C ALA C 42 -12.92 3.35 5.35
N VAL C 43 -13.18 2.15 4.84
CA VAL C 43 -12.84 0.93 5.53
C VAL C 43 -11.39 0.68 5.20
N ALA C 44 -10.55 0.52 6.21
CA ALA C 44 -9.14 0.26 5.99
C ALA C 44 -8.99 -1.25 5.70
N THR C 45 -9.64 -2.05 6.53
CA THR C 45 -9.63 -3.50 6.35
C THR C 45 -10.73 -4.18 7.17
N ALA C 46 -11.16 -5.34 6.71
CA ALA C 46 -12.18 -6.07 7.43
C ALA C 46 -11.69 -7.50 7.56
N ASN C 47 -12.01 -8.17 8.66
CA ASN C 47 -11.58 -9.55 8.78
C ASN C 47 -12.44 -10.35 7.81
N TYR C 48 -12.14 -11.63 7.63
CA TYR C 48 -12.91 -12.43 6.69
C TYR C 48 -14.40 -12.60 7.06
N GLU C 49 -14.71 -12.55 8.34
CA GLU C 49 -16.10 -12.64 8.78
C GLU C 49 -16.90 -11.47 8.18
N ALA C 50 -16.25 -10.33 7.97
CA ALA C 50 -16.93 -9.17 7.39
C ALA C 50 -16.77 -9.18 5.87
N ARG C 51 -15.64 -9.68 5.38
CA ARG C 51 -15.40 -9.73 3.94
C ARG C 51 -16.38 -10.65 3.22
N LYS C 52 -16.81 -11.70 3.91
CA LYS C 52 -17.73 -12.66 3.31
C LYS C 52 -18.94 -11.93 2.75
N PHE C 53 -19.40 -10.95 3.50
CA PHE C 53 -20.56 -10.16 3.12
C PHE C 53 -20.31 -8.92 2.26
N GLY C 54 -19.13 -8.83 1.65
CA GLY C 54 -18.85 -7.68 0.82
C GLY C 54 -18.25 -6.44 1.46
N VAL C 55 -17.96 -6.47 2.77
CA VAL C 55 -17.34 -5.34 3.47
C VAL C 55 -15.84 -5.56 3.26
N LYS C 56 -15.21 -4.68 2.50
CA LYS C 56 -13.79 -4.80 2.18
C LYS C 56 -13.06 -3.45 2.19
N ALA C 57 -11.73 -3.50 2.10
CA ALA C 57 -10.93 -2.28 2.10
C ALA C 57 -11.31 -1.25 1.02
N GLY C 58 -11.33 0.02 1.41
CA GLY C 58 -11.63 1.09 0.47
C GLY C 58 -13.09 1.53 0.32
N ILE C 59 -14.04 0.73 0.77
CA ILE C 59 -15.42 1.17 0.61
C ILE C 59 -15.81 2.11 1.76
N PRO C 60 -16.82 2.95 1.53
CA PRO C 60 -17.27 3.88 2.56
C PRO C 60 -17.79 3.16 3.80
N ILE C 61 -17.58 3.75 4.97
CA ILE C 61 -18.05 3.17 6.21
C ILE C 61 -19.56 3.10 6.24
N VAL C 62 -20.22 4.05 5.57
CA VAL C 62 -21.69 4.11 5.54
C VAL C 62 -22.21 2.90 4.76
N GLU C 63 -21.54 2.61 3.65
CA GLU C 63 -21.87 1.48 2.80
C GLU C 63 -21.65 0.17 3.58
N ALA C 64 -20.63 0.16 4.43
CA ALA C 64 -20.33 -1.02 5.23
C ALA C 64 -21.33 -1.20 6.36
N LYS C 65 -21.77 -0.10 6.97
CA LYS C 65 -22.73 -0.24 8.06
C LYS C 65 -24.14 -0.58 7.56
N LYS C 66 -24.37 -0.43 6.26
CA LYS C 66 -25.68 -0.75 5.71
C LYS C 66 -25.70 -2.24 5.48
N ILE C 67 -24.53 -2.82 5.32
CA ILE C 67 -24.44 -4.26 5.12
C ILE C 67 -24.39 -4.92 6.49
N LEU C 68 -23.46 -4.50 7.34
CA LEU C 68 -23.34 -5.09 8.65
C LEU C 68 -23.49 -4.08 9.80
N PRO C 69 -24.71 -3.67 10.13
CA PRO C 69 -24.86 -2.70 11.21
C PRO C 69 -24.37 -3.16 12.59
N ASN C 70 -24.40 -4.47 12.82
CA ASN C 70 -23.97 -5.03 14.09
C ASN C 70 -22.50 -5.44 14.15
N ALA C 71 -21.77 -5.29 13.04
CA ALA C 71 -20.34 -5.64 13.01
C ALA C 71 -19.63 -4.70 13.95
N VAL C 72 -18.42 -5.06 14.36
CA VAL C 72 -17.65 -4.19 15.25
C VAL C 72 -16.87 -3.25 14.34
N TYR C 73 -17.07 -1.95 14.55
CA TYR C 73 -16.39 -0.93 13.77
C TYR C 73 -15.40 -0.26 14.66
N LEU C 74 -14.13 -0.45 14.32
CA LEU C 74 -13.06 0.12 15.12
C LEU C 74 -12.28 1.18 14.36
N PRO C 75 -11.95 2.27 15.04
CA PRO C 75 -11.18 3.32 14.37
C PRO C 75 -9.77 2.80 14.15
N MET C 76 -9.17 3.11 13.01
CA MET C 76 -7.83 2.65 12.73
C MET C 76 -6.84 3.19 13.76
N ARG C 77 -6.02 2.31 14.32
CA ARG C 77 -5.00 2.68 15.30
C ARG C 77 -3.65 2.35 14.67
N LYS C 78 -3.33 3.10 13.63
CA LYS C 78 -2.11 2.92 12.86
C LYS C 78 -0.84 2.69 13.69
N GLU C 79 -0.63 3.53 14.69
CA GLU C 79 0.56 3.44 15.53
C GLU C 79 0.71 2.07 16.17
N VAL C 80 -0.39 1.51 16.66
CA VAL C 80 -0.35 0.19 17.24
C VAL C 80 0.06 -0.83 16.18
N TYR C 81 -0.62 -0.82 15.04
CA TYR C 81 -0.30 -1.76 13.97
C TYR C 81 1.14 -1.64 13.49
N GLN C 82 1.64 -0.40 13.43
CA GLN C 82 3.01 -0.19 12.98
C GLN C 82 4.02 -0.84 13.93
N GLN C 83 3.75 -0.77 15.23
CA GLN C 83 4.64 -1.37 16.20
C GLN C 83 4.61 -2.89 16.15
N VAL C 84 3.41 -3.47 16.05
CA VAL C 84 3.31 -4.91 15.96
C VAL C 84 4.02 -5.34 14.67
N SER C 85 3.84 -4.56 13.61
CA SER C 85 4.48 -4.84 12.33
C SER C 85 6.00 -4.82 12.45
N SER C 86 6.55 -3.75 13.02
CA SER C 86 7.99 -3.63 13.19
C SER C 86 8.54 -4.88 13.91
N ARG C 87 7.84 -5.33 14.94
CA ARG C 87 8.26 -6.50 15.68
C ARG C 87 8.29 -7.73 14.79
N ILE C 88 7.28 -7.89 13.94
CA ILE C 88 7.22 -9.03 13.05
C ILE C 88 8.30 -8.89 11.99
N MET C 89 8.55 -7.67 11.54
CA MET C 89 9.59 -7.48 10.53
C MET C 89 10.91 -7.88 11.16
N ASN C 90 11.09 -7.58 12.44
CA ASN C 90 12.32 -7.97 13.09
C ASN C 90 12.44 -9.49 13.16
N LEU C 91 11.33 -10.18 13.38
CA LEU C 91 11.40 -11.63 13.42
C LEU C 91 11.85 -12.14 12.06
N LEU C 92 11.42 -11.47 10.99
CA LEU C 92 11.77 -11.89 9.65
C LEU C 92 13.27 -11.69 9.36
N ARG C 93 13.86 -10.64 9.92
CA ARG C 93 15.28 -10.40 9.70
C ARG C 93 16.16 -11.51 10.31
N GLU C 94 15.58 -12.33 11.17
CA GLU C 94 16.33 -13.42 11.79
C GLU C 94 16.40 -14.60 10.83
N TYR C 95 15.65 -14.53 9.74
CA TYR C 95 15.64 -15.62 8.76
C TYR C 95 16.36 -15.19 7.49
N SER C 96 16.62 -13.90 7.37
CA SER C 96 17.32 -13.36 6.21
C SER C 96 17.53 -11.86 6.36
N GLU C 97 18.77 -11.43 6.19
CA GLU C 97 19.13 -10.02 6.30
C GLU C 97 18.68 -9.30 5.04
N LYS C 98 18.57 -10.05 3.95
CA LYS C 98 18.13 -9.48 2.67
C LYS C 98 16.59 -9.44 2.73
N ILE C 99 16.09 -8.33 3.26
CA ILE C 99 14.66 -8.17 3.40
C ILE C 99 14.19 -6.84 2.83
N GLU C 100 13.08 -6.90 2.11
CA GLU C 100 12.46 -5.73 1.53
C GLU C 100 11.07 -5.62 2.16
N ILE C 101 10.90 -4.58 2.98
CA ILE C 101 9.65 -4.32 3.65
C ILE C 101 8.87 -3.44 2.67
N ALA C 102 7.96 -4.06 1.93
CA ALA C 102 7.15 -3.36 0.94
C ALA C 102 6.11 -2.45 1.56
N SER C 103 5.55 -2.88 2.69
CA SER C 103 4.57 -2.07 3.39
C SER C 103 4.46 -2.54 4.82
N ILE C 104 3.48 -2.02 5.53
CA ILE C 104 3.29 -2.37 6.91
C ILE C 104 2.97 -3.86 7.13
N ASP C 105 2.55 -4.56 6.09
CA ASP C 105 2.23 -5.96 6.30
C ASP C 105 2.73 -6.86 5.22
N GLU C 106 3.76 -6.45 4.52
CA GLU C 106 4.31 -7.26 3.45
C GLU C 106 5.81 -7.15 3.46
N ALA C 107 6.48 -8.27 3.24
CA ALA C 107 7.93 -8.25 3.19
C ALA C 107 8.46 -9.38 2.34
N TYR C 108 9.51 -9.06 1.61
CA TYR C 108 10.16 -10.01 0.71
C TYR C 108 11.49 -10.37 1.32
N LEU C 109 11.79 -11.65 1.37
CA LEU C 109 13.05 -12.12 1.89
C LEU C 109 13.80 -12.85 0.81
N ASP C 110 15.02 -12.40 0.49
CA ASP C 110 15.80 -13.20 -0.47
C ASP C 110 16.47 -14.27 0.38
N ILE C 111 15.95 -15.48 0.30
CA ILE C 111 16.52 -16.56 1.10
C ILE C 111 17.42 -17.52 0.31
N SER C 112 17.89 -17.05 -0.85
CA SER C 112 18.76 -17.80 -1.73
C SER C 112 19.97 -18.39 -1.00
N ASP C 113 20.64 -17.55 -0.21
CA ASP C 113 21.80 -17.99 0.55
C ASP C 113 21.42 -18.83 1.77
N LYS C 114 20.13 -18.95 2.05
CA LYS C 114 19.68 -19.72 3.22
C LYS C 114 19.06 -21.07 2.88
N VAL C 115 18.37 -21.17 1.77
CA VAL C 115 17.79 -22.46 1.39
C VAL C 115 18.33 -22.88 0.02
N ARG C 116 18.41 -24.19 -0.17
CA ARG C 116 18.94 -24.77 -1.40
C ARG C 116 17.83 -24.97 -2.43
N ASP C 117 16.72 -25.56 -2.00
CA ASP C 117 15.59 -25.80 -2.92
C ASP C 117 14.27 -25.26 -2.37
N TYR C 118 13.19 -25.49 -3.10
CA TYR C 118 11.87 -25.01 -2.67
C TYR C 118 11.30 -25.79 -1.47
N ARG C 119 11.84 -26.97 -1.22
CA ARG C 119 11.38 -27.81 -0.11
C ARG C 119 11.89 -27.18 1.17
N GLU C 120 13.07 -26.62 1.04
CA GLU C 120 13.68 -25.98 2.17
C GLU C 120 12.90 -24.75 2.48
N ALA C 121 12.79 -23.95 1.44
CA ALA C 121 12.07 -22.72 1.53
C ALA C 121 10.72 -22.92 2.21
N TYR C 122 9.96 -23.90 1.75
CA TYR C 122 8.64 -24.18 2.31
C TYR C 122 8.77 -24.47 3.80
N ASN C 123 9.75 -25.29 4.18
CA ASN C 123 9.95 -25.61 5.59
C ASN C 123 10.27 -24.34 6.37
N LEU C 124 11.02 -23.43 5.75
CA LEU C 124 11.38 -22.18 6.40
C LEU C 124 10.10 -21.35 6.53
N GLY C 125 9.28 -21.42 5.49
CA GLY C 125 8.03 -20.70 5.48
C GLY C 125 7.14 -21.12 6.64
N LEU C 126 7.09 -22.42 6.90
CA LEU C 126 6.28 -22.95 7.99
C LEU C 126 6.92 -22.53 9.29
N GLU C 127 8.24 -22.49 9.31
CA GLU C 127 8.95 -22.08 10.51
C GLU C 127 8.62 -20.59 10.80
N ILE C 128 8.66 -19.77 9.76
CA ILE C 128 8.36 -18.35 9.88
C ILE C 128 6.89 -18.18 10.31
N LYS C 129 5.98 -18.88 9.67
CA LYS C 129 4.59 -18.79 10.04
C LYS C 129 4.40 -19.13 11.51
N ASN C 130 4.96 -20.25 11.96
CA ASN C 130 4.82 -20.67 13.36
C ASN C 130 5.42 -19.68 14.35
N LYS C 131 6.57 -19.11 13.98
CA LYS C 131 7.26 -18.14 14.84
C LYS C 131 6.42 -16.89 15.07
N ILE C 132 5.85 -16.36 14.01
CA ILE C 132 5.03 -15.16 14.10
C ILE C 132 3.80 -15.47 14.92
N LEU C 133 3.21 -16.63 14.67
CA LEU C 133 2.01 -17.04 15.40
C LEU C 133 2.33 -17.16 16.88
N GLU C 134 3.47 -17.76 17.20
CA GLU C 134 3.87 -17.93 18.59
C GLU C 134 4.17 -16.62 19.29
N LYS C 135 5.02 -15.83 18.66
CA LYS C 135 5.44 -14.54 19.22
C LYS C 135 4.43 -13.40 19.21
N GLU C 136 3.58 -13.33 18.18
CA GLU C 136 2.65 -12.21 18.06
C GLU C 136 1.18 -12.56 17.88
N LYS C 137 0.90 -13.85 17.70
CA LYS C 137 -0.47 -14.32 17.52
C LYS C 137 -1.03 -13.86 16.19
N ILE C 138 -0.14 -13.57 15.25
CA ILE C 138 -0.55 -13.10 13.92
C ILE C 138 -0.33 -14.18 12.87
N THR C 139 -1.36 -14.47 12.09
CA THR C 139 -1.22 -15.46 11.02
C THR C 139 -0.86 -14.67 9.76
N VAL C 140 0.05 -15.22 8.97
CA VAL C 140 0.53 -14.60 7.75
C VAL C 140 0.42 -15.64 6.66
N THR C 141 0.62 -15.18 5.44
CA THR C 141 0.60 -16.08 4.30
C THR C 141 1.96 -15.94 3.65
N VAL C 142 2.60 -17.06 3.37
CA VAL C 142 3.92 -17.06 2.75
C VAL C 142 3.83 -17.47 1.29
N GLY C 143 4.47 -16.69 0.43
CA GLY C 143 4.50 -16.96 -0.99
C GLY C 143 5.94 -17.16 -1.33
N ILE C 144 6.27 -18.27 -1.98
CA ILE C 144 7.66 -18.53 -2.33
C ILE C 144 7.77 -18.76 -3.83
N SER C 145 8.77 -18.14 -4.45
CA SER C 145 8.96 -18.32 -5.87
C SER C 145 10.32 -17.79 -6.33
N LYS C 146 10.50 -17.68 -7.65
CA LYS C 146 11.79 -17.22 -8.22
C LYS C 146 12.06 -15.74 -8.19
N ASN C 147 11.02 -14.94 -8.12
CA ASN C 147 11.19 -13.50 -8.05
C ASN C 147 10.11 -12.93 -7.15
N LYS C 148 10.22 -11.64 -6.87
CA LYS C 148 9.29 -10.94 -6.00
C LYS C 148 7.83 -10.97 -6.43
N VAL C 149 7.60 -10.86 -7.73
CA VAL C 149 6.24 -10.86 -8.29
C VAL C 149 5.50 -12.18 -8.10
N PHE C 150 6.11 -13.30 -8.48
CA PHE C 150 5.44 -14.58 -8.32
C PHE C 150 5.33 -15.02 -6.86
N ALA C 151 6.24 -14.56 -6.02
CA ALA C 151 6.15 -14.90 -4.61
C ALA C 151 4.90 -14.17 -4.11
N LYS C 152 4.66 -12.96 -4.61
CA LYS C 152 3.49 -12.22 -4.17
C LYS C 152 2.23 -12.90 -4.69
N ILE C 153 2.27 -13.33 -5.95
CA ILE C 153 1.14 -14.01 -6.55
C ILE C 153 0.90 -15.31 -5.77
N ALA C 154 1.97 -16.00 -5.39
CA ALA C 154 1.86 -17.23 -4.64
C ALA C 154 1.08 -16.96 -3.35
N ALA C 155 1.43 -15.88 -2.66
CA ALA C 155 0.76 -15.52 -1.44
C ALA C 155 -0.68 -15.14 -1.70
N ASP C 156 -0.92 -14.42 -2.80
CA ASP C 156 -2.27 -14.00 -3.17
C ASP C 156 -3.19 -15.21 -3.34
N MET C 157 -2.64 -16.29 -3.88
CA MET C 157 -3.41 -17.51 -4.10
C MET C 157 -3.62 -18.30 -2.81
N ALA C 158 -2.65 -18.28 -1.92
CA ALA C 158 -2.73 -19.05 -0.69
C ALA C 158 -3.36 -18.38 0.52
N LYS C 159 -3.69 -17.09 0.44
CA LYS C 159 -4.25 -16.45 1.62
C LYS C 159 -5.72 -16.76 1.87
N PRO C 160 -6.14 -16.75 3.14
CA PRO C 160 -5.36 -16.45 4.36
C PRO C 160 -4.66 -17.65 5.03
N ASN C 161 -3.83 -17.33 6.02
CA ASN C 161 -3.07 -18.32 6.77
C ASN C 161 -2.54 -19.44 5.90
N GLY C 162 -2.04 -19.10 4.72
CA GLY C 162 -1.51 -20.11 3.82
C GLY C 162 -0.02 -20.06 3.53
N ILE C 163 0.42 -20.93 2.62
CA ILE C 163 1.81 -20.99 2.20
C ILE C 163 1.84 -21.74 0.88
N LYS C 164 2.35 -21.07 -0.15
CA LYS C 164 2.41 -21.63 -1.47
C LYS C 164 3.73 -21.36 -2.16
N VAL C 165 4.22 -22.38 -2.84
CA VAL C 165 5.45 -22.28 -3.61
C VAL C 165 5.00 -22.32 -5.05
N ILE C 166 5.66 -21.56 -5.91
CA ILE C 166 5.35 -21.58 -7.34
C ILE C 166 6.70 -21.85 -7.99
N ASP C 167 6.94 -23.12 -8.32
CA ASP C 167 8.22 -23.52 -8.91
C ASP C 167 8.40 -23.00 -10.32
N ASP C 168 9.62 -23.13 -10.83
CA ASP C 168 9.98 -22.66 -12.17
C ASP C 168 9.06 -23.18 -13.26
N GLU C 169 8.30 -24.22 -12.96
CA GLU C 169 7.39 -24.80 -13.94
C GLU C 169 6.02 -24.14 -13.84
N GLU C 170 5.52 -23.94 -12.62
CA GLU C 170 4.21 -23.33 -12.47
C GLU C 170 4.24 -21.87 -12.89
N VAL C 171 5.44 -21.31 -12.90
CA VAL C 171 5.61 -19.93 -13.31
C VAL C 171 5.25 -19.88 -14.79
N LYS C 172 5.81 -20.82 -15.56
CA LYS C 172 5.56 -20.90 -17.00
C LYS C 172 4.07 -21.13 -17.31
N ARG C 173 3.40 -21.89 -16.47
CA ARG C 173 1.98 -22.13 -16.66
C ARG C 173 1.22 -20.83 -16.39
N LEU C 174 1.57 -20.15 -15.30
CA LEU C 174 0.91 -18.89 -14.94
C LEU C 174 1.10 -17.79 -15.98
N ILE C 175 2.28 -17.74 -16.58
CA ILE C 175 2.54 -16.75 -17.60
C ILE C 175 1.55 -16.90 -18.75
N ARG C 176 0.91 -18.07 -18.83
CA ARG C 176 -0.07 -18.39 -19.87
C ARG C 176 -1.52 -18.33 -19.39
N GLU C 177 -1.78 -18.84 -18.18
CA GLU C 177 -3.15 -18.93 -17.65
C GLU C 177 -3.64 -17.84 -16.66
N LEU C 178 -2.74 -17.15 -15.97
CA LEU C 178 -3.12 -16.11 -14.99
C LEU C 178 -3.67 -14.82 -15.61
N ASP C 179 -4.82 -14.37 -15.12
CA ASP C 179 -5.45 -13.14 -15.59
C ASP C 179 -4.42 -12.05 -15.32
N ILE C 180 -4.01 -11.34 -16.36
CA ILE C 180 -3.02 -10.30 -16.22
C ILE C 180 -3.40 -9.25 -15.17
N ALA C 181 -4.67 -9.23 -14.78
CA ALA C 181 -5.14 -8.28 -13.79
C ALA C 181 -4.70 -8.73 -12.41
N ASP C 182 -4.35 -10.01 -12.27
CA ASP C 182 -3.90 -10.50 -10.99
C ASP C 182 -2.42 -10.30 -10.77
N VAL C 183 -1.76 -9.64 -11.72
CA VAL C 183 -0.34 -9.32 -11.62
C VAL C 183 -0.12 -8.06 -10.75
N PRO C 184 0.76 -8.15 -9.74
CA PRO C 184 1.08 -7.03 -8.83
C PRO C 184 1.47 -5.78 -9.60
N GLY C 185 0.85 -4.67 -9.26
CA GLY C 185 1.18 -3.43 -9.95
C GLY C 185 0.24 -3.07 -11.06
N ILE C 186 -0.67 -3.99 -11.37
CA ILE C 186 -1.63 -3.74 -12.43
C ILE C 186 -2.98 -3.56 -11.78
N GLY C 187 -3.40 -2.31 -11.63
CA GLY C 187 -4.68 -2.05 -11.02
C GLY C 187 -5.79 -1.95 -12.05
N ASN C 188 -6.97 -1.52 -11.62
CA ASN C 188 -8.10 -1.40 -12.52
C ASN C 188 -7.88 -0.62 -13.80
N ILE C 189 -7.17 0.50 -13.75
CA ILE C 189 -6.96 1.27 -14.97
C ILE C 189 -6.07 0.60 -16.02
N THR C 190 -4.96 0.01 -15.59
CA THR C 190 -4.07 -0.66 -16.55
C THR C 190 -4.72 -1.91 -17.09
N ALA C 191 -5.48 -2.61 -16.25
CA ALA C 191 -6.14 -3.83 -16.64
C ALA C 191 -7.09 -3.57 -17.80
N GLU C 192 -7.93 -2.54 -17.65
CA GLU C 192 -8.89 -2.16 -18.66
C GLU C 192 -8.20 -1.68 -19.94
N LYS C 193 -7.08 -0.97 -19.81
CA LYS C 193 -6.39 -0.50 -20.99
C LYS C 193 -5.70 -1.66 -21.71
N LEU C 194 -5.35 -2.71 -20.97
CA LEU C 194 -4.70 -3.87 -21.55
C LEU C 194 -5.78 -4.67 -22.30
N LYS C 195 -6.98 -4.66 -21.73
CA LYS C 195 -8.12 -5.35 -22.31
C LYS C 195 -8.44 -4.79 -23.71
N LYS C 196 -8.40 -3.47 -23.85
CA LYS C 196 -8.68 -2.81 -25.10
C LYS C 196 -7.57 -3.03 -26.14
N LEU C 197 -6.39 -3.43 -25.67
CA LEU C 197 -5.28 -3.69 -26.59
C LEU C 197 -5.41 -5.13 -27.04
N GLY C 198 -6.08 -5.94 -26.23
CA GLY C 198 -6.29 -7.33 -26.56
C GLY C 198 -5.53 -8.29 -25.66
N ILE C 199 -4.83 -7.71 -24.68
CA ILE C 199 -4.03 -8.47 -23.71
C ILE C 199 -4.82 -8.84 -22.45
N ASN C 200 -4.83 -10.12 -22.12
CA ASN C 200 -5.56 -10.63 -20.95
C ASN C 200 -4.74 -11.60 -20.09
N LYS C 201 -3.62 -12.05 -20.63
CA LYS C 201 -2.73 -12.97 -19.92
C LYS C 201 -1.35 -12.40 -20.19
N LEU C 202 -0.37 -12.74 -19.37
CA LEU C 202 0.98 -12.22 -19.54
C LEU C 202 1.58 -12.54 -20.89
N VAL C 203 1.40 -13.78 -21.33
CA VAL C 203 1.94 -14.20 -22.63
C VAL C 203 1.50 -13.30 -23.79
N ASP C 204 0.28 -12.77 -23.72
CA ASP C 204 -0.21 -11.89 -24.78
C ASP C 204 0.63 -10.63 -25.03
N THR C 205 1.36 -10.15 -24.00
CA THR C 205 2.17 -8.95 -24.15
C THR C 205 3.30 -9.16 -25.16
N LEU C 206 3.58 -10.43 -25.46
CA LEU C 206 4.63 -10.76 -26.40
C LEU C 206 4.10 -10.65 -27.84
N SER C 207 2.82 -10.98 -28.05
CA SER C 207 2.25 -10.92 -29.38
C SER C 207 2.08 -9.48 -29.90
N ILE C 208 1.77 -8.54 -29.01
CA ILE C 208 1.58 -7.14 -29.39
C ILE C 208 2.94 -6.53 -29.62
N GLU C 209 3.01 -5.43 -30.37
CA GLU C 209 4.30 -4.82 -30.60
C GLU C 209 4.54 -3.85 -29.45
N PHE C 210 5.80 -3.61 -29.11
CA PHE C 210 6.15 -2.73 -27.99
C PHE C 210 5.63 -1.29 -28.00
N ASP C 211 5.79 -0.58 -29.11
CA ASP C 211 5.33 0.81 -29.20
C ASP C 211 3.83 0.98 -28.93
N LYS C 212 3.05 -0.06 -29.21
CA LYS C 212 1.61 0.03 -28.97
C LYS C 212 1.35 -0.14 -27.48
N LEU C 213 2.06 -1.08 -26.85
CA LEU C 213 1.91 -1.33 -25.42
C LEU C 213 2.38 -0.07 -24.69
N LYS C 214 3.57 0.37 -25.03
CA LYS C 214 4.16 1.57 -24.44
C LYS C 214 3.21 2.75 -24.51
N GLY C 215 2.56 2.92 -25.64
CA GLY C 215 1.66 4.06 -25.79
C GLY C 215 0.43 3.99 -24.91
N MET C 216 -0.10 2.79 -24.75
CA MET C 216 -1.31 2.56 -23.96
C MET C 216 -1.11 2.57 -22.43
N ILE C 217 -0.29 1.65 -21.93
CA ILE C 217 -0.06 1.53 -20.49
C ILE C 217 1.20 2.23 -19.94
N GLY C 218 2.05 2.74 -20.83
CA GLY C 218 3.25 3.43 -20.39
C GLY C 218 4.48 2.56 -20.54
N GLU C 219 5.62 3.18 -20.82
CA GLU C 219 6.87 2.47 -21.00
C GLU C 219 7.25 1.58 -19.80
N ALA C 220 7.19 2.15 -18.60
CA ALA C 220 7.55 1.41 -17.38
C ALA C 220 6.72 0.13 -17.18
N LYS C 221 5.41 0.26 -17.25
CA LYS C 221 4.54 -0.88 -17.08
C LYS C 221 4.68 -1.86 -18.23
N ALA C 222 5.00 -1.34 -19.41
CA ALA C 222 5.14 -2.19 -20.59
C ALA C 222 6.33 -3.12 -20.46
N LYS C 223 7.49 -2.57 -20.13
CA LYS C 223 8.70 -3.38 -19.97
C LYS C 223 8.55 -4.40 -18.85
N TYR C 224 7.83 -3.99 -17.81
CA TYR C 224 7.59 -4.81 -16.65
C TYR C 224 6.80 -6.06 -17.00
N LEU C 225 5.68 -5.89 -17.69
CA LEU C 225 4.85 -7.04 -18.06
C LEU C 225 5.58 -7.93 -19.06
N ILE C 226 6.31 -7.31 -19.98
CA ILE C 226 7.06 -8.08 -20.94
C ILE C 226 8.14 -8.92 -20.27
N SER C 227 8.87 -8.31 -19.32
CA SER C 227 9.93 -9.03 -18.61
C SER C 227 9.32 -10.19 -17.84
N LEU C 228 8.13 -9.97 -17.30
CA LEU C 228 7.48 -11.04 -16.58
C LEU C 228 7.08 -12.14 -17.56
N ALA C 229 6.52 -11.74 -18.69
CA ALA C 229 6.09 -12.70 -19.70
C ALA C 229 7.27 -13.52 -20.20
N ARG C 230 8.42 -12.87 -20.35
CA ARG C 230 9.65 -13.53 -20.83
C ARG C 230 10.31 -14.35 -19.75
N ASP C 231 9.75 -14.28 -18.54
CA ASP C 231 10.26 -14.98 -17.37
C ASP C 231 11.67 -14.44 -17.11
N GLU C 232 11.84 -13.15 -17.37
CA GLU C 232 13.10 -12.45 -17.17
C GLU C 232 13.06 -11.46 -16.03
N TYR C 233 12.00 -11.45 -15.24
CA TYR C 233 11.94 -10.51 -14.14
C TYR C 233 12.77 -11.04 -12.98
N ASN C 234 13.67 -10.23 -12.46
CA ASN C 234 14.51 -10.68 -11.35
C ASN C 234 14.97 -9.49 -10.52
N GLU C 235 14.06 -8.57 -10.24
CA GLU C 235 14.39 -7.40 -9.42
C GLU C 235 14.91 -7.83 -8.05
N PRO C 236 16.01 -7.19 -7.61
CA PRO C 236 16.62 -7.49 -6.31
C PRO C 236 15.79 -7.03 -5.11
N ILE C 237 15.83 -7.86 -4.06
CA ILE C 237 15.19 -7.54 -2.79
C ILE C 237 16.06 -6.45 -2.20
N ARG C 238 15.50 -5.28 -1.99
CA ARG C 238 16.25 -4.14 -1.50
C ARG C 238 15.57 -3.41 -0.37
N THR C 239 16.34 -2.64 0.40
CA THR C 239 15.76 -1.90 1.51
C THR C 239 14.92 -0.79 0.92
N ARG C 240 13.69 -0.65 1.37
CA ARG C 240 12.86 0.43 0.84
C ARG C 240 12.91 1.62 1.77
N VAL C 241 13.04 2.80 1.17
CA VAL C 241 13.11 4.04 1.91
C VAL C 241 11.89 4.88 1.55
N ARG C 242 11.14 5.29 2.56
CA ARG C 242 9.98 6.13 2.29
C ARG C 242 10.52 7.38 1.60
N LYS C 243 9.99 7.71 0.44
CA LYS C 243 10.47 8.86 -0.32
C LYS C 243 9.72 10.16 -0.02
N SER C 244 8.51 10.06 0.51
CA SER C 244 7.75 11.24 0.81
C SER C 244 6.88 10.99 2.03
N ILE C 245 6.58 12.07 2.75
CA ILE C 245 5.77 11.97 3.96
C ILE C 245 4.86 13.18 3.98
N GLY C 246 3.58 12.95 4.26
CA GLY C 246 2.64 14.05 4.28
C GLY C 246 1.55 13.97 5.31
N ARG C 247 0.70 14.98 5.30
CA ARG C 247 -0.39 15.06 6.23
C ARG C 247 -1.52 15.74 5.49
N ILE C 248 -2.68 15.08 5.47
CA ILE C 248 -3.83 15.64 4.78
C ILE C 248 -4.97 15.73 5.80
N VAL C 249 -5.57 16.91 5.92
CA VAL C 249 -6.65 17.11 6.88
C VAL C 249 -7.95 17.56 6.24
N THR C 250 -9.05 17.08 6.80
CA THR C 250 -10.38 17.42 6.32
C THR C 250 -10.82 18.70 7.03
N MET C 251 -11.32 19.66 6.28
CA MET C 251 -11.76 20.92 6.86
C MET C 251 -13.22 20.82 7.35
N LYS C 252 -13.56 21.66 8.34
CA LYS C 252 -14.92 21.63 8.86
C LYS C 252 -15.94 21.87 7.73
N ARG C 253 -15.61 22.76 6.80
CA ARG C 253 -16.51 23.06 5.68
C ARG C 253 -15.67 23.45 4.47
N ASN C 254 -16.17 23.15 3.28
CA ASN C 254 -15.46 23.43 2.04
C ASN C 254 -15.21 24.91 1.84
N SER C 255 -13.97 25.25 1.51
CA SER C 255 -13.59 26.66 1.35
C SER C 255 -12.49 26.94 0.33
N ARG C 256 -12.34 28.20 -0.04
CA ARG C 256 -11.27 28.60 -0.95
C ARG C 256 -10.81 29.96 -0.45
N ASN C 257 -11.16 30.22 0.81
CA ASN C 257 -10.77 31.44 1.49
C ASN C 257 -9.50 31.11 2.27
N LEU C 258 -8.37 31.58 1.76
CA LEU C 258 -7.07 31.34 2.36
C LEU C 258 -6.99 31.37 3.87
N GLU C 259 -7.57 32.39 4.49
CA GLU C 259 -7.49 32.50 5.95
C GLU C 259 -8.29 31.42 6.67
N GLU C 260 -9.29 30.86 6.02
CA GLU C 260 -10.08 29.79 6.64
C GLU C 260 -9.29 28.49 6.55
N ILE C 261 -8.61 28.33 5.41
CA ILE C 261 -7.79 27.16 5.10
C ILE C 261 -6.47 27.10 5.88
N LYS C 262 -5.82 28.25 6.00
CA LYS C 262 -4.53 28.35 6.68
C LYS C 262 -4.32 27.51 7.92
N PRO C 263 -5.23 27.61 8.92
CA PRO C 263 -5.08 26.81 10.14
C PRO C 263 -4.86 25.32 9.86
N TYR C 264 -5.74 24.76 9.04
CA TYR C 264 -5.66 23.36 8.67
C TYR C 264 -4.31 23.05 8.04
N LEU C 265 -3.90 23.84 7.06
CA LEU C 265 -2.61 23.66 6.39
C LEU C 265 -1.44 23.70 7.37
N PHE C 266 -1.41 24.76 8.19
CA PHE C 266 -0.35 24.92 9.17
C PHE C 266 -0.28 23.73 10.12
N ARG C 267 -1.44 23.25 10.56
CA ARG C 267 -1.48 22.09 11.44
C ARG C 267 -0.94 20.90 10.66
N ALA C 268 -1.28 20.82 9.38
CA ALA C 268 -0.80 19.74 8.53
C ALA C 268 0.72 19.76 8.47
N ILE C 269 1.29 20.97 8.36
CA ILE C 269 2.74 21.13 8.32
C ILE C 269 3.37 20.77 9.66
N GLU C 270 2.77 21.32 10.72
CA GLU C 270 3.24 21.10 12.08
C GLU C 270 3.29 19.62 12.42
N GLU C 271 2.30 18.86 11.95
CA GLU C 271 2.23 17.43 12.21
C GLU C 271 3.11 16.65 11.25
N SER C 272 3.30 17.18 10.05
CA SER C 272 4.15 16.52 9.06
C SER C 272 5.59 16.54 9.55
N TYR C 273 6.01 17.67 10.12
CA TYR C 273 7.37 17.78 10.61
C TYR C 273 7.66 16.79 11.72
N TYR C 274 6.64 16.45 12.50
CA TYR C 274 6.81 15.46 13.54
C TYR C 274 6.93 14.09 12.85
N LYS C 275 6.10 13.81 11.84
CA LYS C 275 6.27 12.51 11.21
C LYS C 275 7.51 12.42 10.35
N LEU C 276 8.10 13.57 10.02
CA LEU C 276 9.34 13.57 9.24
C LEU C 276 10.37 12.89 10.12
N ASP C 277 10.19 13.05 11.42
CA ASP C 277 11.05 12.45 12.43
C ASP C 277 12.52 12.49 12.06
N LYS C 278 13.12 13.67 12.18
CA LYS C 278 14.54 13.87 11.88
C LYS C 278 14.85 14.09 10.41
N ARG C 279 14.01 13.57 9.52
CA ARG C 279 14.23 13.72 8.09
C ARG C 279 14.06 15.16 7.65
N ILE C 280 14.99 15.62 6.80
CA ILE C 280 14.95 16.99 6.29
C ILE C 280 14.63 16.98 4.81
N PRO C 281 13.47 17.50 4.45
CA PRO C 281 13.06 17.52 3.05
C PRO C 281 13.55 18.76 2.30
N LYS C 282 13.82 18.60 1.01
CA LYS C 282 14.25 19.70 0.19
C LYS C 282 13.09 20.08 -0.73
N ALA C 283 12.02 19.27 -0.71
CA ALA C 283 10.84 19.51 -1.53
C ALA C 283 9.56 19.52 -0.70
N ILE C 284 8.62 20.35 -1.12
CA ILE C 284 7.35 20.46 -0.43
C ILE C 284 6.24 20.55 -1.47
N HIS C 285 5.09 19.98 -1.16
CA HIS C 285 3.94 20.00 -2.05
C HIS C 285 2.71 20.29 -1.22
N VAL C 286 1.87 21.19 -1.71
CA VAL C 286 0.62 21.48 -1.01
C VAL C 286 -0.40 20.69 -1.80
N VAL C 287 -1.16 19.86 -1.10
CA VAL C 287 -2.16 19.02 -1.74
C VAL C 287 -3.58 19.45 -1.38
N ALA C 288 -4.37 19.75 -2.39
CA ALA C 288 -5.74 20.15 -2.16
C ALA C 288 -6.73 19.15 -2.73
N VAL C 289 -7.58 18.62 -1.85
CA VAL C 289 -8.64 17.71 -2.27
C VAL C 289 -9.86 18.62 -2.47
N THR C 290 -10.27 18.82 -3.73
CA THR C 290 -11.41 19.68 -4.03
C THR C 290 -12.75 19.04 -3.62
N GLU C 291 -13.84 19.81 -3.77
CA GLU C 291 -15.18 19.35 -3.41
C GLU C 291 -15.63 18.12 -4.22
N ASP C 292 -15.27 18.02 -5.49
CA ASP C 292 -15.67 16.86 -6.31
C ASP C 292 -14.65 15.74 -6.11
N LEU C 293 -13.90 15.83 -5.00
CA LEU C 293 -12.87 14.87 -4.62
C LEU C 293 -11.71 14.66 -5.58
N ASP C 294 -11.44 15.62 -6.45
CA ASP C 294 -10.32 15.52 -7.39
C ASP C 294 -9.10 15.99 -6.59
N ILE C 295 -7.90 15.76 -7.13
CA ILE C 295 -6.70 16.19 -6.41
C ILE C 295 -5.93 17.19 -7.25
N VAL C 296 -5.51 18.29 -6.61
CA VAL C 296 -4.71 19.31 -7.27
C VAL C 296 -3.52 19.54 -6.33
N SER C 297 -2.31 19.60 -6.88
CA SER C 297 -1.16 19.84 -6.03
C SER C 297 -0.11 20.72 -6.69
N ARG C 298 0.61 21.46 -5.85
CA ARG C 298 1.68 22.35 -6.30
C ARG C 298 2.86 22.17 -5.35
N GLY C 299 4.06 22.09 -5.90
CA GLY C 299 5.23 21.91 -5.06
C GLY C 299 6.43 22.69 -5.52
N ARG C 300 7.48 22.71 -4.72
CA ARG C 300 8.69 23.42 -5.06
C ARG C 300 9.84 22.67 -4.42
N THR C 301 10.96 22.62 -5.12
CA THR C 301 12.14 21.94 -4.61
C THR C 301 13.13 23.04 -4.27
N PHE C 302 13.80 22.88 -3.13
CA PHE C 302 14.80 23.83 -2.65
C PHE C 302 16.17 23.22 -2.75
N PRO C 303 17.21 24.06 -2.91
CA PRO C 303 18.58 23.55 -3.02
C PRO C 303 19.12 23.20 -1.65
N HIS C 304 18.25 23.29 -0.65
CA HIS C 304 18.60 23.00 0.73
C HIS C 304 17.42 22.42 1.49
N GLY C 305 17.63 22.07 2.75
CA GLY C 305 16.55 21.52 3.56
C GLY C 305 15.53 22.59 3.88
N ILE C 306 14.27 22.17 4.03
CA ILE C 306 13.17 23.10 4.33
C ILE C 306 12.86 23.14 5.82
N SER C 307 12.97 24.33 6.42
CA SER C 307 12.68 24.49 7.82
C SER C 307 11.16 24.60 7.97
N LYS C 308 10.66 24.34 9.17
CA LYS C 308 9.24 24.44 9.44
C LYS C 308 8.78 25.82 9.03
N GLU C 309 9.59 26.82 9.35
CA GLU C 309 9.25 28.20 9.02
C GLU C 309 9.19 28.39 7.52
N THR C 310 10.19 27.87 6.81
CA THR C 310 10.19 27.99 5.36
C THR C 310 8.98 27.23 4.81
N ALA C 311 8.64 26.11 5.47
CA ALA C 311 7.50 25.30 5.06
C ALA C 311 6.23 26.13 5.18
N TYR C 312 6.10 26.83 6.30
CA TYR C 312 4.93 27.67 6.55
C TYR C 312 4.69 28.71 5.46
N SER C 313 5.73 29.47 5.12
CA SER C 313 5.58 30.52 4.12
C SER C 313 5.43 30.00 2.70
N GLU C 314 6.21 28.96 2.35
CA GLU C 314 6.14 28.40 1.01
C GLU C 314 4.81 27.70 0.74
N SER C 315 4.26 27.03 1.75
CA SER C 315 2.99 26.32 1.60
C SER C 315 1.89 27.29 1.22
N VAL C 316 1.88 28.45 1.88
CA VAL C 316 0.87 29.45 1.60
C VAL C 316 0.99 29.91 0.15
N LYS C 317 2.21 30.11 -0.31
CA LYS C 317 2.41 30.53 -1.69
C LYS C 317 1.89 29.44 -2.62
N LEU C 318 2.21 28.19 -2.28
CA LEU C 318 1.76 27.06 -3.09
C LEU C 318 0.24 26.91 -3.04
N LEU C 319 -0.36 27.16 -1.89
CA LEU C 319 -1.82 27.05 -1.76
C LEU C 319 -2.50 28.15 -2.57
N GLN C 320 -1.80 29.27 -2.70
CA GLN C 320 -2.34 30.38 -3.45
C GLN C 320 -2.29 30.02 -4.92
N LYS C 321 -1.25 29.28 -5.29
CA LYS C 321 -1.10 28.88 -6.69
C LYS C 321 -2.20 27.89 -7.04
N ILE C 322 -2.67 27.11 -6.06
CA ILE C 322 -3.72 26.15 -6.33
C ILE C 322 -5.02 26.93 -6.51
N LEU C 323 -5.41 27.71 -5.51
CA LEU C 323 -6.63 28.48 -5.58
C LEU C 323 -6.65 29.37 -6.83
N GLU C 324 -5.49 29.82 -7.27
CA GLU C 324 -5.37 30.66 -8.46
C GLU C 324 -5.59 29.88 -9.76
N GLU C 325 -4.96 28.70 -9.86
CA GLU C 325 -5.06 27.88 -11.05
C GLU C 325 -6.22 26.89 -11.11
N ASP C 326 -6.91 26.72 -9.99
CA ASP C 326 -8.05 25.81 -9.94
C ASP C 326 -9.14 26.56 -9.19
N GLU C 327 -10.32 26.61 -9.79
CA GLU C 327 -11.46 27.33 -9.24
C GLU C 327 -12.41 26.57 -8.30
N ARG C 328 -12.24 25.25 -8.16
CA ARG C 328 -13.12 24.47 -7.29
C ARG C 328 -12.88 24.78 -5.81
N LYS C 329 -13.83 24.37 -4.97
CA LYS C 329 -13.69 24.58 -3.53
C LYS C 329 -12.84 23.47 -2.92
N ILE C 330 -12.00 23.82 -1.95
CA ILE C 330 -11.16 22.83 -1.30
C ILE C 330 -11.85 22.18 -0.10
N ARG C 331 -11.92 20.85 -0.12
CA ARG C 331 -12.56 20.07 0.94
C ARG C 331 -11.49 19.76 1.97
N ARG C 332 -10.39 19.19 1.49
CA ARG C 332 -9.26 18.83 2.35
C ARG C 332 -8.02 19.53 1.82
N ILE C 333 -7.15 19.93 2.75
CA ILE C 333 -5.91 20.58 2.37
C ILE C 333 -4.77 19.88 3.09
N GLY C 334 -3.71 19.56 2.36
CA GLY C 334 -2.60 18.87 2.98
C GLY C 334 -1.24 19.26 2.43
N VAL C 335 -0.20 18.75 3.07
CA VAL C 335 1.15 19.05 2.67
C VAL C 335 1.91 17.75 2.53
N ARG C 336 2.91 17.76 1.67
CA ARG C 336 3.73 16.58 1.45
C ARG C 336 5.17 17.00 1.32
N PHE C 337 6.07 16.26 1.96
CA PHE C 337 7.50 16.53 1.95
C PHE C 337 8.27 15.36 1.36
N SER C 338 9.28 15.66 0.56
CA SER C 338 10.07 14.62 -0.07
C SER C 338 11.47 15.11 -0.33
N LYS C 339 12.25 14.27 -1.02
CA LYS C 339 13.62 14.58 -1.37
C LYS C 339 14.41 14.90 -0.10
N PHE C 340 14.46 13.92 0.79
CA PHE C 340 15.14 14.04 2.06
C PHE C 340 16.65 14.05 1.90
N ILE C 341 17.32 14.78 2.78
CA ILE C 341 18.77 14.86 2.75
C ILE C 341 19.32 13.56 3.33
C1 BAP D . 1.71 14.27 14.97
C2 BAP D . 0.38 14.75 15.00
C3 BAP D . -0.65 14.05 14.32
C3A BAP D . -0.35 12.90 13.58
C4 BAP D . -1.36 12.21 12.90
C5 BAP D . -1.04 11.05 12.19
C5A BAP D . 0.28 10.55 12.15
C6 BAP D . 0.60 9.37 11.46
C7 BAP D . 1.97 8.88 11.47
C8 BAP D . 2.95 9.65 12.08
C8A BAP D . 2.64 10.80 12.78
C9 BAP D . 3.65 11.50 13.45
C10 BAP D . 3.33 12.65 14.18
C1A BAP D . 2.02 13.12 14.24
C3B BAP D . 0.99 12.42 13.55
C5B BAP D . 1.30 11.26 12.82
C1' BAP D . 2.40 7.69 10.75
O1' BAP D . 3.37 6.94 11.41
C2' BAP D . 1.20 6.82 10.25
O2' BAP D . 1.64 5.83 9.36
C3' BAP D . 0.02 7.59 9.72
O3' BAP D . 0.43 8.25 8.54
C4' BAP D . -0.48 8.64 10.75
C1 EDO E . 5.49 20.24 -15.99
O1 EDO E . 5.88 19.18 -16.89
C2 EDO E . 3.97 20.49 -16.04
O2 EDO E . 3.26 19.25 -16.12
C1 GOL F . 0.51 9.75 16.04
O1 GOL F . 1.42 10.48 16.85
C2 GOL F . -0.92 10.00 16.51
O2 GOL F . -1.20 11.40 16.52
C3 GOL F . -1.89 9.24 15.61
O3 GOL F . -3.23 9.49 16.06
CA CA G . -2.15 -8.44 4.21
CA CA H . -1.02 -5.19 2.16
C1 EDO I . 10.38 12.60 -4.74
O1 EDO I . 9.46 13.69 -4.55
C2 EDO I . 11.07 12.74 -6.10
O2 EDO I . 12.47 12.97 -5.91
C1 EDO J . 4.03 8.26 17.11
O1 EDO J . 4.11 9.63 17.51
C2 EDO J . 4.53 8.10 15.68
O2 EDO J . 5.82 7.50 15.67
P1 POP K . -4.96 -6.92 4.46
O1 POP K . -4.15 -5.95 3.45
O2 POP K . -3.95 -7.54 5.35
O3 POP K . -6.02 -6.00 5.29
O POP K . -5.72 -7.92 3.35
P2 POP K . -5.24 -9.51 3.24
O4 POP K . -5.56 -10.21 4.51
O5 POP K . -3.65 -9.61 2.96
O6 POP K . -6.08 -10.24 2.01
#